data_1A59
#
_entry.id   1A59
#
_cell.length_a   70.800
_cell.length_b   70.800
_cell.length_c   307.800
_cell.angle_alpha   90.00
_cell.angle_beta   90.00
_cell.angle_gamma   120.00
#
_symmetry.space_group_name_H-M   'P 65 2 2'
#
loop_
_entity.id
_entity.type
_entity.pdbx_description
1 polymer 'CITRATE SYNTHASE'
2 non-polymer 'COENZYME A'
3 non-polymer 'CITRIC ACID'
#
_entity_poly.entity_id   1
_entity_poly.type   'polypeptide(L)'
_entity_poly.pdbx_seq_one_letter_code
;TEPTIHKGLAGVTADVTAISKVNSDTNSLLYRGYPVQELAAKCSFEQVAYLLWNSELPNDSELKAFVNFERSHRKLDENV
KGAIDLLSTACHPMDVARTAVSVLGANHARAQDSSPEANLEKAMSLLATFPSVVAYDQRRRRGEELIEPREDLDYSANFL
WMTFGEEAAPEVVEAFNVSMILYAEHSFNASTFTARVITSTLADLHSAVTGAIGALKGPLHGGANEAVMHTFEEIGIRKD
ESLDEAATRSKAWMVDALAQKKKVMGFGHRVYKNGDSRVPTMKSALDAMIKHYDRPEMLGLYNGLEAAMEEAKQIKPNLD
YPAGPTYNLMGFDTEMFTPLFIAARITGWTAHIMEQVADNALIRPLSEYNGPEQRQVP
;
_entity_poly.pdbx_strand_id   A
#
# COMPACT_ATOMS: atom_id res chain seq x y z
N GLU A 2 16.81 -25.85 25.02
CA GLU A 2 16.77 -25.00 23.80
C GLU A 2 15.65 -23.97 23.85
N PRO A 3 15.90 -22.77 23.31
CA PRO A 3 14.86 -21.73 23.30
C PRO A 3 13.85 -22.02 22.20
N THR A 4 12.70 -21.36 22.26
CA THR A 4 11.68 -21.55 21.23
C THR A 4 12.00 -20.57 20.10
N ILE A 5 12.19 -21.10 18.90
CA ILE A 5 12.49 -20.27 17.74
C ILE A 5 11.17 -19.80 17.15
N HIS A 6 11.07 -18.50 16.89
CA HIS A 6 9.85 -17.92 16.34
C HIS A 6 10.06 -17.38 14.93
N LYS A 7 10.25 -18.30 13.98
CA LYS A 7 10.43 -17.97 12.57
C LYS A 7 9.34 -17.07 12.04
N GLY A 8 9.72 -15.92 11.49
CA GLY A 8 8.75 -14.98 10.95
C GLY A 8 7.86 -14.34 12.01
N LEU A 9 8.23 -14.54 13.27
CA LEU A 9 7.48 -14.02 14.42
C LEU A 9 5.99 -14.39 14.32
N ALA A 10 5.73 -15.57 13.77
CA ALA A 10 4.37 -16.07 13.61
C ALA A 10 3.67 -16.29 14.95
N GLY A 11 2.54 -15.60 15.14
CA GLY A 11 1.78 -15.73 16.36
C GLY A 11 2.36 -14.98 17.54
N VAL A 12 3.44 -14.23 17.29
CA VAL A 12 4.09 -13.46 18.34
C VAL A 12 3.54 -12.05 18.44
N THR A 13 3.04 -11.70 19.63
CA THR A 13 2.51 -10.38 19.90
C THR A 13 3.69 -9.49 20.31
N ALA A 14 4.11 -8.64 19.39
CA ALA A 14 5.24 -7.73 19.61
C ALA A 14 4.95 -6.50 20.48
N ASP A 15 3.71 -6.05 20.49
CA ASP A 15 3.36 -4.88 21.28
C ASP A 15 1.86 -4.68 21.28
N VAL A 16 1.45 -3.60 21.91
CA VAL A 16 0.06 -3.23 21.99
C VAL A 16 -0.09 -2.07 20.99
N THR A 17 -1.31 -1.84 20.51
CA THR A 17 -1.55 -0.73 19.59
C THR A 17 -2.98 -0.26 19.68
N ALA A 18 -3.17 1.05 19.55
CA ALA A 18 -4.49 1.67 19.63
C ALA A 18 -4.95 2.14 18.24
N ILE A 19 -4.12 1.87 17.23
CA ILE A 19 -4.42 2.32 15.88
C ILE A 19 -5.44 1.47 15.11
N SER A 20 -5.29 0.15 15.14
CA SER A 20 -6.22 -0.73 14.44
C SER A 20 -6.27 -2.12 15.04
N LYS A 21 -7.39 -2.80 14.79
CA LYS A 21 -7.59 -4.17 15.27
C LYS A 21 -7.89 -5.07 14.09
N VAL A 22 -7.08 -6.10 13.90
CA VAL A 22 -7.23 -7.05 12.81
C VAL A 22 -7.72 -8.39 13.36
N ASN A 23 -8.92 -8.79 12.96
CA ASN A 23 -9.50 -10.04 13.45
C ASN A 23 -9.73 -11.07 12.36
N SER A 24 -8.98 -12.16 12.42
CA SER A 24 -9.10 -13.24 11.44
C SER A 24 -10.45 -13.95 11.52
N ASP A 25 -10.86 -14.29 12.75
CA ASP A 25 -12.12 -14.99 12.96
C ASP A 25 -13.33 -14.34 12.30
N THR A 26 -13.47 -13.03 12.47
CA THR A 26 -14.59 -12.29 11.92
C THR A 26 -14.31 -11.45 10.66
N ASN A 27 -13.14 -11.65 10.05
CA ASN A 27 -12.75 -10.90 8.85
C ASN A 27 -13.02 -9.42 9.07
N SER A 28 -12.61 -8.91 10.22
CA SER A 28 -12.86 -7.51 10.52
C SER A 28 -11.60 -6.70 10.75
N LEU A 29 -11.72 -5.40 10.47
CA LEU A 29 -10.65 -4.44 10.61
C LEU A 29 -11.20 -3.11 11.11
N LEU A 30 -10.70 -2.67 12.27
CA LEU A 30 -11.12 -1.41 12.87
C LEU A 30 -10.02 -0.37 12.80
N TYR A 31 -10.36 0.85 12.36
CA TYR A 31 -9.41 1.94 12.32
C TYR A 31 -9.84 2.83 13.47
N ARG A 32 -9.08 2.78 14.56
CA ARG A 32 -9.36 3.56 15.77
C ARG A 32 -10.83 3.38 16.17
N GLY A 33 -11.26 2.12 16.19
CA GLY A 33 -12.62 1.77 16.57
C GLY A 33 -13.64 1.63 15.46
N TYR A 34 -13.45 2.31 14.34
CA TYR A 34 -14.40 2.26 13.22
C TYR A 34 -14.11 1.20 12.17
N PRO A 35 -15.12 0.40 11.80
CA PRO A 35 -14.98 -0.66 10.79
C PRO A 35 -14.59 -0.04 9.46
N VAL A 36 -13.56 -0.59 8.82
CA VAL A 36 -13.06 -0.07 7.53
C VAL A 36 -14.10 -0.02 6.41
N GLN A 37 -15.04 -0.96 6.42
CA GLN A 37 -16.10 -1.01 5.42
C GLN A 37 -16.96 0.25 5.52
N GLU A 38 -17.27 0.65 6.76
CA GLU A 38 -18.07 1.83 7.02
C GLU A 38 -17.35 3.14 6.68
N LEU A 39 -16.05 3.19 6.93
CA LEU A 39 -15.25 4.37 6.62
C LEU A 39 -15.15 4.50 5.10
N ALA A 40 -14.95 3.37 4.43
CA ALA A 40 -14.84 3.36 2.98
C ALA A 40 -16.16 3.76 2.31
N ALA A 41 -17.28 3.40 2.93
CA ALA A 41 -18.60 3.69 2.40
C ALA A 41 -19.05 5.15 2.55
N LYS A 42 -18.59 5.83 3.58
CA LYS A 42 -19.00 7.22 3.76
C LYS A 42 -17.99 8.28 4.20
N CYS A 43 -16.71 7.99 4.04
CA CYS A 43 -15.67 8.95 4.39
C CYS A 43 -14.71 9.17 3.24
N SER A 44 -13.97 10.28 3.29
CA SER A 44 -12.96 10.56 2.30
C SER A 44 -11.67 10.04 2.93
N PHE A 45 -10.64 9.84 2.10
CA PHE A 45 -9.36 9.37 2.61
C PHE A 45 -8.82 10.40 3.61
N GLU A 46 -9.05 11.69 3.32
CA GLU A 46 -8.60 12.77 4.19
C GLU A 46 -9.13 12.58 5.62
N GLN A 47 -10.42 12.22 5.74
CA GLN A 47 -11.04 11.99 7.05
C GLN A 47 -10.41 10.77 7.73
N VAL A 48 -10.11 9.75 6.93
CA VAL A 48 -9.50 8.53 7.44
C VAL A 48 -8.05 8.79 7.86
N ALA A 49 -7.37 9.66 7.10
CA ALA A 49 -5.99 10.03 7.41
C ALA A 49 -6.00 10.80 8.74
N TYR A 50 -6.91 11.75 8.87
CA TYR A 50 -7.05 12.53 10.09
C TYR A 50 -7.39 11.58 11.25
N LEU A 51 -8.29 10.64 11.01
CA LEU A 51 -8.71 9.68 12.03
C LEU A 51 -7.55 8.85 12.58
N LEU A 52 -6.75 8.28 11.69
CA LEU A 52 -5.63 7.45 12.08
C LEU A 52 -4.59 8.19 12.92
N TRP A 53 -4.40 9.48 12.64
CA TRP A 53 -3.43 10.29 13.38
C TRP A 53 -3.97 10.87 14.69
N ASN A 54 -5.23 11.29 14.67
CA ASN A 54 -5.84 11.92 15.83
C ASN A 54 -6.74 11.06 16.72
N SER A 55 -6.98 9.82 16.31
CA SER A 55 -7.81 8.86 17.04
C SER A 55 -9.29 9.20 17.04
N GLU A 56 -9.66 10.24 16.30
CA GLU A 56 -11.04 10.68 16.18
C GLU A 56 -11.33 11.20 14.79
N LEU A 57 -12.56 11.03 14.33
CA LEU A 57 -12.99 11.55 13.04
C LEU A 57 -13.02 13.08 13.23
N PRO A 58 -12.63 13.84 12.19
CA PRO A 58 -12.62 15.31 12.29
C PRO A 58 -14.00 15.98 12.22
N ASN A 59 -14.19 17.06 12.99
CA ASN A 59 -15.44 17.79 12.89
C ASN A 59 -15.26 18.70 11.67
N ASP A 60 -16.29 19.45 11.30
CA ASP A 60 -16.20 20.32 10.12
C ASP A 60 -14.99 21.25 10.08
N SER A 61 -14.74 21.97 11.18
CA SER A 61 -13.62 22.90 11.25
C SER A 61 -12.25 22.22 11.20
N GLU A 62 -12.12 21.09 11.90
CA GLU A 62 -10.87 20.34 11.90
C GLU A 62 -10.55 19.80 10.51
N LEU A 63 -11.58 19.33 9.81
CA LEU A 63 -11.42 18.78 8.47
C LEU A 63 -11.02 19.88 7.49
N LYS A 64 -11.57 21.07 7.66
CA LYS A 64 -11.26 22.20 6.79
C LYS A 64 -9.79 22.57 6.89
N ALA A 65 -9.30 22.68 8.13
CA ALA A 65 -7.91 23.01 8.39
C ALA A 65 -7.00 21.90 7.84
N PHE A 66 -7.36 20.66 8.09
CA PHE A 66 -6.59 19.50 7.61
C PHE A 66 -6.51 19.49 6.08
N VAL A 67 -7.65 19.71 5.43
CA VAL A 67 -7.72 19.74 3.97
C VAL A 67 -6.92 20.91 3.41
N ASN A 68 -6.93 22.05 4.11
CA ASN A 68 -6.19 23.21 3.64
C ASN A 68 -4.69 22.97 3.65
N PHE A 69 -4.19 22.29 4.68
CA PHE A 69 -2.77 21.96 4.80
C PHE A 69 -2.39 20.93 3.74
N GLU A 70 -3.24 19.92 3.56
CA GLU A 70 -2.99 18.89 2.58
C GLU A 70 -2.83 19.49 1.18
N ARG A 71 -3.86 20.19 0.70
CA ARG A 71 -3.81 20.78 -0.64
C ARG A 71 -2.72 21.82 -0.91
N SER A 72 -2.08 22.34 0.13
CA SER A 72 -1.01 23.32 -0.06
C SER A 72 0.39 22.72 0.14
N HIS A 73 0.45 21.41 0.34
CA HIS A 73 1.74 20.73 0.54
C HIS A 73 1.97 19.60 -0.45
N ARG A 74 1.34 19.72 -1.62
CA ARG A 74 1.44 18.71 -2.67
C ARG A 74 2.58 18.89 -3.66
N LYS A 75 2.96 20.13 -3.93
CA LYS A 75 4.03 20.42 -4.89
C LYS A 75 5.30 19.61 -4.67
N LEU A 76 5.84 19.08 -5.75
CA LEU A 76 7.06 18.30 -5.73
C LEU A 76 8.26 19.23 -5.55
N ASP A 77 9.01 19.00 -4.48
CA ASP A 77 10.19 19.79 -4.16
C ASP A 77 11.22 19.68 -5.30
N GLU A 78 11.88 20.80 -5.61
CA GLU A 78 12.86 20.88 -6.69
C GLU A 78 13.95 19.82 -6.65
N ASN A 79 14.53 19.60 -5.47
CA ASN A 79 15.59 18.63 -5.29
C ASN A 79 15.10 17.19 -5.39
N VAL A 80 13.88 16.94 -4.94
CA VAL A 80 13.30 15.62 -5.00
C VAL A 80 13.09 15.24 -6.46
N LYS A 81 12.60 16.18 -7.26
CA LYS A 81 12.38 15.93 -8.69
C LYS A 81 13.74 15.71 -9.34
N GLY A 82 14.72 16.50 -8.91
CA GLY A 82 16.07 16.37 -9.43
C GLY A 82 16.61 14.97 -9.16
N ALA A 83 16.33 14.43 -7.98
CA ALA A 83 16.79 13.09 -7.62
C ALA A 83 16.12 12.03 -8.49
N ILE A 84 14.82 12.20 -8.73
CA ILE A 84 14.06 11.28 -9.58
C ILE A 84 14.65 11.30 -10.99
N ASP A 85 15.04 12.47 -11.47
CA ASP A 85 15.61 12.60 -12.81
C ASP A 85 17.02 12.03 -12.96
N LEU A 86 17.62 11.62 -11.84
CA LEU A 86 18.95 10.99 -11.84
C LEU A 86 18.79 9.48 -11.90
N LEU A 87 17.54 9.02 -11.83
CA LEU A 87 17.23 7.61 -11.88
C LEU A 87 16.71 7.24 -13.26
N SER A 88 17.07 6.05 -13.73
CA SER A 88 16.63 5.62 -15.05
C SER A 88 15.12 5.40 -15.08
N THR A 89 14.54 5.66 -16.25
CA THR A 89 13.11 5.48 -16.47
C THR A 89 12.78 3.99 -16.56
N ALA A 90 13.79 3.16 -16.34
CA ALA A 90 13.63 1.71 -16.39
C ALA A 90 13.74 1.08 -14.99
N CYS A 91 14.12 1.86 -13.98
CA CYS A 91 14.26 1.34 -12.62
C CYS A 91 12.87 1.10 -12.01
N HIS A 92 12.82 0.38 -10.90
CA HIS A 92 11.54 0.09 -10.26
C HIS A 92 10.96 1.32 -9.56
N PRO A 93 9.66 1.60 -9.78
CA PRO A 93 8.98 2.75 -9.17
C PRO A 93 9.14 2.81 -7.63
N MET A 94 9.22 1.65 -6.98
CA MET A 94 9.41 1.63 -5.53
C MET A 94 10.78 2.19 -5.15
N ASP A 95 11.78 1.95 -5.99
CA ASP A 95 13.12 2.46 -5.75
C ASP A 95 13.15 3.98 -5.95
N VAL A 96 12.24 4.47 -6.78
CA VAL A 96 12.10 5.90 -7.04
C VAL A 96 11.44 6.54 -5.82
N ALA A 97 10.40 5.88 -5.29
CA ALA A 97 9.67 6.35 -4.11
C ALA A 97 10.61 6.38 -2.92
N ARG A 98 11.37 5.30 -2.78
CA ARG A 98 12.34 5.14 -1.72
C ARG A 98 13.38 6.28 -1.76
N THR A 99 13.83 6.62 -2.96
CA THR A 99 14.82 7.69 -3.15
C THR A 99 14.23 9.07 -2.88
N ALA A 100 13.03 9.29 -3.39
CA ALA A 100 12.32 10.55 -3.22
C ALA A 100 12.10 10.88 -1.75
N VAL A 101 11.57 9.91 -0.99
CA VAL A 101 11.32 10.09 0.43
C VAL A 101 12.62 10.25 1.22
N SER A 102 13.69 9.62 0.73
CA SER A 102 15.00 9.73 1.38
C SER A 102 15.51 11.16 1.25
N VAL A 103 15.37 11.74 0.05
CA VAL A 103 15.79 13.11 -0.23
C VAL A 103 14.90 14.07 0.56
N LEU A 104 13.60 13.78 0.61
CA LEU A 104 12.66 14.61 1.35
C LEU A 104 13.04 14.70 2.82
N GLY A 105 13.42 13.56 3.38
CA GLY A 105 13.82 13.53 4.78
C GLY A 105 15.13 14.24 5.02
N ALA A 106 16.09 14.01 4.14
CA ALA A 106 17.40 14.61 4.24
C ALA A 106 17.35 16.14 4.25
N ASN A 107 16.61 16.73 3.32
CA ASN A 107 16.52 18.18 3.25
C ASN A 107 15.46 18.81 4.15
N HIS A 108 14.80 17.98 4.94
CA HIS A 108 13.77 18.49 5.83
C HIS A 108 14.38 19.35 6.95
N ALA A 109 13.79 20.52 7.18
CA ALA A 109 14.27 21.45 8.19
C ALA A 109 14.23 20.84 9.59
N ARG A 110 13.26 19.96 9.84
CA ARG A 110 13.13 19.32 11.14
C ARG A 110 13.32 17.80 11.10
N ALA A 111 14.30 17.33 10.32
CA ALA A 111 14.59 15.91 10.20
C ALA A 111 14.92 15.23 11.53
N GLN A 112 15.67 15.93 12.39
CA GLN A 112 16.08 15.39 13.68
C GLN A 112 15.11 15.55 14.86
N ASP A 113 14.02 16.27 14.64
CA ASP A 113 13.03 16.45 15.71
C ASP A 113 11.92 15.40 15.57
N SER A 114 11.72 14.62 16.62
CA SER A 114 10.69 13.57 16.63
C SER A 114 9.57 13.85 17.62
N SER A 115 9.41 15.12 18.00
CA SER A 115 8.34 15.49 18.91
C SER A 115 7.02 15.24 18.19
N PRO A 116 5.96 14.93 18.94
CA PRO A 116 4.63 14.66 18.37
C PRO A 116 4.19 15.68 17.32
N GLU A 117 4.49 16.96 17.57
CA GLU A 117 4.13 18.04 16.66
C GLU A 117 4.94 18.00 15.38
N ALA A 118 6.25 17.78 15.52
CA ALA A 118 7.15 17.70 14.38
C ALA A 118 6.81 16.50 13.49
N ASN A 119 6.60 15.36 14.12
CA ASN A 119 6.27 14.14 13.39
C ASN A 119 4.92 14.22 12.68
N LEU A 120 3.95 14.89 13.29
CA LEU A 120 2.63 15.02 12.67
C LEU A 120 2.76 15.92 11.44
N GLU A 121 3.50 17.02 11.58
CA GLU A 121 3.71 17.95 10.47
C GLU A 121 4.44 17.24 9.33
N LYS A 122 5.47 16.47 9.66
CA LYS A 122 6.23 15.73 8.66
C LYS A 122 5.38 14.66 8.01
N ALA A 123 4.54 14.00 8.81
CA ALA A 123 3.65 12.95 8.33
C ALA A 123 2.64 13.50 7.33
N MET A 124 1.99 14.61 7.69
CA MET A 124 0.98 15.23 6.83
C MET A 124 1.58 15.81 5.56
N SER A 125 2.75 16.42 5.68
CA SER A 125 3.42 17.01 4.54
C SER A 125 3.88 15.94 3.57
N LEU A 126 4.31 14.80 4.12
CA LEU A 126 4.75 13.66 3.33
C LEU A 126 3.56 13.05 2.60
N LEU A 127 2.44 12.91 3.30
CA LEU A 127 1.24 12.33 2.69
C LEU A 127 0.77 13.20 1.52
N ALA A 128 0.87 14.51 1.69
CA ALA A 128 0.44 15.46 0.68
C ALA A 128 1.30 15.50 -0.57
N THR A 129 2.62 15.45 -0.39
CA THR A 129 3.53 15.53 -1.52
C THR A 129 3.86 14.22 -2.24
N PHE A 130 3.68 13.09 -1.56
CA PHE A 130 4.00 11.80 -2.19
C PHE A 130 3.31 11.51 -3.51
N PRO A 131 2.00 11.85 -3.65
CA PRO A 131 1.32 11.58 -4.93
C PRO A 131 2.02 12.26 -6.14
N SER A 132 2.72 13.37 -5.90
CA SER A 132 3.42 14.07 -6.98
C SER A 132 4.61 13.22 -7.45
N VAL A 133 5.17 12.42 -6.55
CA VAL A 133 6.29 11.56 -6.89
C VAL A 133 5.77 10.46 -7.81
N VAL A 134 4.68 9.81 -7.41
CA VAL A 134 4.08 8.72 -8.18
C VAL A 134 3.62 9.16 -9.57
N ALA A 135 2.87 10.27 -9.61
CA ALA A 135 2.35 10.82 -10.86
C ALA A 135 3.47 11.18 -11.83
N TYR A 136 4.49 11.88 -11.34
CA TYR A 136 5.59 12.26 -12.21
C TYR A 136 6.39 11.04 -12.65
N ASP A 137 6.55 10.07 -11.76
CA ASP A 137 7.30 8.87 -12.11
C ASP A 137 6.66 8.11 -13.27
N GLN A 138 5.33 8.02 -13.27
CA GLN A 138 4.66 7.34 -14.36
C GLN A 138 4.73 8.17 -15.64
N ARG A 139 4.48 9.47 -15.53
CA ARG A 139 4.50 10.36 -16.70
C ARG A 139 5.87 10.47 -17.37
N ARG A 140 6.93 10.49 -16.57
CA ARG A 140 8.27 10.58 -17.14
C ARG A 140 8.59 9.33 -17.94
N ARG A 141 8.10 8.17 -17.50
CA ARG A 141 8.32 6.92 -18.20
C ARG A 141 7.56 6.90 -19.52
N ARG A 142 6.47 7.66 -19.59
CA ARG A 142 5.65 7.76 -20.80
C ARG A 142 6.09 8.95 -21.65
N GLY A 143 7.27 9.49 -21.34
CA GLY A 143 7.80 10.62 -22.08
C GLY A 143 6.99 11.89 -21.94
N GLU A 144 6.32 12.04 -20.79
CA GLU A 144 5.49 13.22 -20.54
C GLU A 144 6.07 14.07 -19.41
N GLU A 145 5.48 15.23 -19.19
CA GLU A 145 5.99 16.13 -18.16
C GLU A 145 5.13 16.22 -16.91
N LEU A 146 5.73 16.77 -15.85
CA LEU A 146 5.07 16.93 -14.57
C LEU A 146 3.83 17.82 -14.68
N ILE A 147 2.80 17.42 -13.96
CA ILE A 147 1.54 18.16 -13.89
C ILE A 147 1.39 18.64 -12.45
N GLU A 148 1.27 19.96 -12.30
CA GLU A 148 1.14 20.58 -10.98
C GLU A 148 -0.17 20.24 -10.29
N PRO A 149 -0.19 20.27 -8.95
CA PRO A 149 -1.37 19.97 -8.13
C PRO A 149 -2.44 21.04 -8.32
N ARG A 150 -3.69 20.68 -8.02
CA ARG A 150 -4.78 21.64 -8.13
C ARG A 150 -5.50 21.72 -6.78
N GLU A 151 -5.46 22.90 -6.16
CA GLU A 151 -6.09 23.09 -4.87
C GLU A 151 -7.61 22.94 -4.87
N ASP A 152 -8.22 22.91 -6.05
CA ASP A 152 -9.67 22.75 -6.12
C ASP A 152 -10.07 21.27 -6.16
N LEU A 153 -9.08 20.39 -6.21
CA LEU A 153 -9.32 18.94 -6.24
C LEU A 153 -8.93 18.28 -4.93
N ASP A 154 -9.72 17.30 -4.49
CA ASP A 154 -9.38 16.62 -3.25
C ASP A 154 -8.21 15.65 -3.48
N TYR A 155 -7.77 14.97 -2.42
CA TYR A 155 -6.63 14.05 -2.53
C TYR A 155 -6.70 13.10 -3.72
N SER A 156 -7.78 12.34 -3.79
CA SER A 156 -7.98 11.36 -4.86
C SER A 156 -8.14 11.94 -6.25
N ALA A 157 -8.97 12.98 -6.37
CA ALA A 157 -9.19 13.61 -7.66
C ALA A 157 -7.89 14.25 -8.15
N ASN A 158 -7.14 14.84 -7.22
CA ASN A 158 -5.88 15.47 -7.57
C ASN A 158 -4.86 14.40 -7.96
N PHE A 159 -4.86 13.28 -7.25
CA PHE A 159 -3.93 12.19 -7.54
C PHE A 159 -4.10 11.78 -9.01
N LEU A 160 -5.34 11.47 -9.38
CA LEU A 160 -5.67 11.06 -10.76
C LEU A 160 -5.35 12.18 -11.77
N TRP A 161 -5.61 13.43 -11.37
CA TRP A 161 -5.35 14.60 -12.23
C TRP A 161 -3.88 14.77 -12.59
N MET A 162 -3.01 14.73 -11.57
CA MET A 162 -1.57 14.89 -11.79
C MET A 162 -0.97 13.76 -12.60
N THR A 163 -1.56 12.58 -12.48
CA THR A 163 -1.07 11.40 -13.20
C THR A 163 -1.47 11.41 -14.67
N PHE A 164 -2.75 11.69 -14.94
CA PHE A 164 -3.25 11.66 -16.30
C PHE A 164 -3.46 12.99 -17.03
N GLY A 165 -3.42 14.10 -16.30
CA GLY A 165 -3.58 15.40 -16.94
C GLY A 165 -4.98 15.72 -17.39
N GLU A 166 -5.93 14.96 -16.87
CA GLU A 166 -7.32 15.15 -17.18
C GLU A 166 -8.05 14.65 -15.94
N GLU A 167 -9.11 15.35 -15.55
CA GLU A 167 -9.88 14.97 -14.38
C GLU A 167 -10.57 13.64 -14.64
N ALA A 168 -10.61 12.80 -13.61
CA ALA A 168 -11.24 11.50 -13.71
C ALA A 168 -12.76 11.59 -13.46
N ALA A 169 -13.48 10.54 -13.83
CA ALA A 169 -14.93 10.49 -13.62
C ALA A 169 -15.20 10.36 -12.12
N PRO A 170 -16.39 10.80 -11.67
CA PRO A 170 -16.76 10.73 -10.25
C PRO A 170 -16.61 9.32 -9.68
N GLU A 171 -17.03 8.33 -10.46
CA GLU A 171 -16.95 6.92 -10.05
C GLU A 171 -15.50 6.47 -9.88
N VAL A 172 -14.62 6.96 -10.75
CA VAL A 172 -13.19 6.63 -10.69
C VAL A 172 -12.50 7.22 -9.46
N VAL A 173 -12.69 8.51 -9.20
CA VAL A 173 -12.05 9.09 -8.02
C VAL A 173 -12.62 8.44 -6.74
N GLU A 174 -13.89 8.04 -6.79
CA GLU A 174 -14.55 7.38 -5.67
C GLU A 174 -13.93 5.99 -5.41
N ALA A 175 -13.74 5.22 -6.47
CA ALA A 175 -13.14 3.89 -6.34
C ALA A 175 -11.66 4.02 -5.93
N PHE A 176 -11.03 5.12 -6.31
CA PHE A 176 -9.63 5.36 -5.94
C PHE A 176 -9.57 5.71 -4.46
N ASN A 177 -10.53 6.52 -4.01
CA ASN A 177 -10.63 6.95 -2.62
C ASN A 177 -10.81 5.73 -1.70
N VAL A 178 -11.67 4.80 -2.14
CA VAL A 178 -11.92 3.58 -1.39
C VAL A 178 -10.64 2.74 -1.24
N SER A 179 -9.85 2.65 -2.31
CA SER A 179 -8.61 1.87 -2.25
C SER A 179 -7.59 2.50 -1.31
N MET A 180 -7.60 3.82 -1.20
CA MET A 180 -6.67 4.51 -0.32
C MET A 180 -7.03 4.21 1.13
N ILE A 181 -8.32 4.19 1.42
CA ILE A 181 -8.83 3.91 2.76
C ILE A 181 -8.55 2.47 3.17
N LEU A 182 -8.71 1.53 2.23
CA LEU A 182 -8.49 0.11 2.49
C LEU A 182 -7.03 -0.24 2.72
N TYR A 183 -6.15 0.50 2.04
CA TYR A 183 -4.71 0.29 2.16
C TYR A 183 -4.05 1.12 3.27
N ALA A 184 -4.79 2.05 3.84
CA ALA A 184 -4.29 2.97 4.87
C ALA A 184 -3.56 2.41 6.07
N GLU A 185 -4.11 1.37 6.69
CA GLU A 185 -3.54 0.82 7.92
C GLU A 185 -3.83 -0.67 8.12
N HIS A 186 -2.89 -1.39 8.74
CA HIS A 186 -3.09 -2.81 8.97
C HIS A 186 -2.17 -3.46 10.00
N SER A 187 -2.24 -2.98 11.24
CA SER A 187 -1.45 -3.53 12.34
C SER A 187 0.06 -3.72 12.06
N PHE A 188 0.64 -4.79 12.60
CA PHE A 188 2.06 -5.04 12.43
C PHE A 188 2.49 -5.84 11.21
N ASN A 189 2.16 -5.34 10.03
CA ASN A 189 2.57 -6.00 8.79
C ASN A 189 4.07 -5.72 8.64
N ALA A 190 4.73 -6.41 7.72
CA ALA A 190 6.18 -6.24 7.54
C ALA A 190 6.68 -4.79 7.39
N SER A 191 6.03 -4.00 6.53
CA SER A 191 6.46 -2.63 6.31
C SER A 191 6.22 -1.74 7.53
N THR A 192 5.08 -1.93 8.19
CA THR A 192 4.78 -1.14 9.37
C THR A 192 5.70 -1.56 10.52
N PHE A 193 6.00 -2.85 10.61
CA PHE A 193 6.89 -3.32 11.67
C PHE A 193 8.32 -2.83 11.41
N THR A 194 8.71 -2.76 10.14
CA THR A 194 10.04 -2.27 9.76
C THR A 194 10.15 -0.82 10.23
N ALA A 195 9.07 -0.06 10.03
CA ALA A 195 9.03 1.34 10.45
C ALA A 195 9.16 1.45 11.98
N ARG A 196 8.52 0.53 12.71
CA ARG A 196 8.59 0.54 14.16
C ARG A 196 9.97 0.11 14.68
N VAL A 197 10.62 -0.81 13.99
CA VAL A 197 11.96 -1.24 14.39
C VAL A 197 12.94 -0.09 14.20
N ILE A 198 12.82 0.61 13.07
CA ILE A 198 13.70 1.74 12.78
C ILE A 198 13.46 2.85 13.82
N THR A 199 12.21 3.06 14.18
CA THR A 199 11.82 4.08 15.15
C THR A 199 12.27 3.72 16.58
N SER A 200 12.28 2.43 16.88
CA SER A 200 12.65 1.91 18.20
C SER A 200 14.09 2.24 18.58
N THR A 201 14.84 2.66 17.57
CA THR A 201 16.24 3.03 17.68
C THR A 201 16.34 4.55 17.92
N LEU A 202 15.20 5.22 17.80
CA LEU A 202 15.05 6.67 17.95
C LEU A 202 15.48 7.43 16.72
N ALA A 203 15.52 6.72 15.58
CA ALA A 203 15.86 7.33 14.29
C ALA A 203 14.61 8.10 13.84
N ASP A 204 14.78 9.04 12.92
CA ASP A 204 13.67 9.87 12.46
C ASP A 204 12.58 9.20 11.61
N LEU A 205 11.47 9.93 11.46
CA LEU A 205 10.31 9.47 10.70
C LEU A 205 10.64 9.07 9.26
N HIS A 206 11.38 9.92 8.55
CA HIS A 206 11.74 9.65 7.16
C HIS A 206 12.62 8.42 7.01
N SER A 207 13.48 8.18 7.99
CA SER A 207 14.33 6.99 7.98
C SER A 207 13.42 5.76 8.07
N ALA A 208 12.42 5.84 8.95
CA ALA A 208 11.47 4.75 9.15
C ALA A 208 10.63 4.46 7.91
N VAL A 209 10.08 5.51 7.30
CA VAL A 209 9.26 5.36 6.10
C VAL A 209 10.07 4.80 4.93
N THR A 210 11.31 5.28 4.79
CA THR A 210 12.19 4.83 3.70
C THR A 210 12.46 3.32 3.81
N GLY A 211 12.58 2.83 5.04
CA GLY A 211 12.81 1.41 5.26
C GLY A 211 11.53 0.63 5.02
N ALA A 212 10.40 1.20 5.43
CA ALA A 212 9.09 0.57 5.25
C ALA A 212 8.78 0.43 3.75
N ILE A 213 9.19 1.42 2.97
CA ILE A 213 8.95 1.39 1.52
C ILE A 213 9.69 0.18 0.95
N GLY A 214 10.91 -0.03 1.43
CA GLY A 214 11.72 -1.15 0.96
C GLY A 214 11.01 -2.47 1.24
N ALA A 215 10.41 -2.58 2.42
CA ALA A 215 9.70 -3.79 2.81
C ALA A 215 8.41 -3.95 2.00
N LEU A 216 7.69 -2.87 1.77
CA LEU A 216 6.44 -2.94 1.03
C LEU A 216 6.65 -3.41 -0.42
N LYS A 217 7.85 -3.17 -0.95
CA LYS A 217 8.19 -3.54 -2.32
C LYS A 217 8.08 -5.03 -2.67
N GLY A 218 8.47 -5.90 -1.74
CA GLY A 218 8.45 -7.34 -2.02
C GLY A 218 7.14 -7.95 -2.46
N PRO A 219 7.21 -8.97 -3.33
CA PRO A 219 6.05 -9.69 -3.86
C PRO A 219 5.22 -10.39 -2.79
N LEU A 220 5.83 -10.65 -1.64
CA LEU A 220 5.14 -11.30 -0.52
C LEU A 220 4.36 -10.27 0.30
N HIS A 221 4.68 -8.99 0.08
CA HIS A 221 4.01 -7.90 0.77
C HIS A 221 3.22 -7.06 -0.25
N GLY A 222 3.43 -5.74 -0.23
CA GLY A 222 2.73 -4.85 -1.15
C GLY A 222 3.00 -5.13 -2.62
N GLY A 223 4.15 -5.71 -2.92
CA GLY A 223 4.48 -6.02 -4.30
C GLY A 223 3.54 -7.02 -4.94
N ALA A 224 2.67 -7.62 -4.14
CA ALA A 224 1.70 -8.58 -4.63
C ALA A 224 0.65 -7.95 -5.55
N ASN A 225 0.35 -6.67 -5.38
CA ASN A 225 -0.65 -6.05 -6.26
C ASN A 225 -0.15 -5.90 -7.68
N GLU A 226 1.14 -5.66 -7.84
CA GLU A 226 1.76 -5.53 -9.15
C GLU A 226 1.90 -6.93 -9.75
N ALA A 227 2.24 -7.89 -8.89
CA ALA A 227 2.42 -9.27 -9.31
C ALA A 227 1.11 -9.86 -9.84
N VAL A 228 0.00 -9.54 -9.18
CA VAL A 228 -1.33 -10.00 -9.58
C VAL A 228 -1.62 -9.60 -11.03
N MET A 229 -1.37 -8.33 -11.35
CA MET A 229 -1.62 -7.83 -12.69
C MET A 229 -0.65 -8.42 -13.72
N HIS A 230 0.62 -8.59 -13.34
CA HIS A 230 1.62 -9.18 -14.22
C HIS A 230 1.18 -10.58 -14.61
N THR A 231 0.58 -11.28 -13.66
CA THR A 231 0.09 -12.63 -13.86
C THR A 231 -1.04 -12.61 -14.87
N PHE A 232 -1.93 -11.62 -14.74
CA PHE A 232 -3.05 -11.51 -15.68
C PHE A 232 -2.54 -11.16 -17.08
N GLU A 233 -1.39 -10.48 -17.15
CA GLU A 233 -0.76 -10.12 -18.42
C GLU A 233 -0.11 -11.35 -19.06
N GLU A 234 0.49 -12.23 -18.24
CA GLU A 234 1.11 -13.47 -18.73
C GLU A 234 0.03 -14.28 -19.43
N ILE A 235 -1.06 -14.55 -18.71
CA ILE A 235 -2.19 -15.27 -19.27
C ILE A 235 -2.82 -14.24 -20.21
N GLY A 236 -3.33 -14.65 -21.37
CA GLY A 236 -3.92 -13.67 -22.25
C GLY A 236 -5.18 -13.02 -21.70
N ILE A 237 -5.27 -11.70 -21.80
CA ILE A 237 -6.46 -10.96 -21.33
C ILE A 237 -7.63 -11.25 -22.27
N ARG A 238 -7.43 -10.98 -23.55
CA ARG A 238 -8.43 -11.21 -24.60
C ARG A 238 -9.85 -10.68 -24.35
N LYS A 239 -10.70 -10.90 -25.34
CA LYS A 239 -12.10 -10.51 -25.30
C LYS A 239 -12.79 -11.56 -26.19
N ASP A 240 -14.08 -11.79 -25.97
CA ASP A 240 -14.85 -12.75 -26.77
C ASP A 240 -14.74 -14.20 -26.32
N GLU A 241 -13.56 -14.61 -25.88
CA GLU A 241 -13.33 -15.97 -25.40
C GLU A 241 -14.41 -16.36 -24.40
N SER A 242 -14.96 -17.58 -24.55
CA SER A 242 -15.99 -18.05 -23.63
C SER A 242 -15.40 -18.19 -22.24
N LEU A 243 -16.24 -18.21 -21.22
CA LEU A 243 -15.75 -18.34 -19.84
C LEU A 243 -14.84 -19.57 -19.70
N ASP A 244 -14.92 -20.46 -20.68
CA ASP A 244 -14.09 -21.64 -20.73
C ASP A 244 -12.64 -21.19 -20.94
N GLU A 245 -12.43 -20.28 -21.87
CA GLU A 245 -11.08 -19.78 -22.14
C GLU A 245 -10.50 -19.28 -20.84
N ALA A 246 -11.17 -18.29 -20.25
CA ALA A 246 -10.73 -17.69 -18.99
C ALA A 246 -10.46 -18.69 -17.89
N ALA A 247 -11.47 -19.47 -17.51
CA ALA A 247 -11.33 -20.45 -16.42
C ALA A 247 -10.37 -21.61 -16.68
N THR A 248 -10.39 -22.16 -17.89
CA THR A 248 -9.51 -23.27 -18.24
C THR A 248 -8.08 -22.76 -18.25
N ARG A 249 -7.86 -21.58 -18.85
CA ARG A 249 -6.54 -21.01 -18.95
C ARG A 249 -6.04 -20.48 -17.62
N SER A 250 -6.94 -19.93 -16.81
CA SER A 250 -6.57 -19.42 -15.49
C SER A 250 -6.15 -20.58 -14.61
N LYS A 251 -6.98 -21.62 -14.57
CA LYS A 251 -6.68 -22.80 -13.78
C LYS A 251 -5.38 -23.42 -14.30
N ALA A 252 -5.23 -23.43 -15.62
CA ALA A 252 -4.04 -23.97 -16.27
C ALA A 252 -2.77 -23.23 -15.85
N TRP A 253 -2.83 -21.90 -15.79
CA TRP A 253 -1.67 -21.13 -15.38
C TRP A 253 -1.40 -21.48 -13.92
N MET A 254 -2.47 -21.54 -13.12
CA MET A 254 -2.35 -21.87 -11.71
C MET A 254 -1.83 -23.29 -11.51
N VAL A 255 -2.37 -24.23 -12.27
CA VAL A 255 -1.95 -25.62 -12.20
C VAL A 255 -0.44 -25.75 -12.45
N ASP A 256 0.05 -25.02 -13.44
CA ASP A 256 1.47 -25.04 -13.79
C ASP A 256 2.34 -24.37 -12.72
N ALA A 257 1.81 -23.32 -12.09
CA ALA A 257 2.55 -22.63 -11.05
C ALA A 257 2.57 -23.47 -9.78
N LEU A 258 1.41 -24.03 -9.43
CA LEU A 258 1.27 -24.86 -8.24
C LEU A 258 2.13 -26.12 -8.27
N ALA A 259 2.18 -26.76 -9.44
CA ALA A 259 2.99 -27.98 -9.61
C ALA A 259 4.49 -27.67 -9.53
N GLN A 260 4.87 -26.42 -9.79
CA GLN A 260 6.26 -25.98 -9.72
C GLN A 260 6.62 -25.42 -8.35
N LYS A 261 5.73 -25.67 -7.38
CA LYS A 261 5.88 -25.22 -5.99
C LYS A 261 5.95 -23.69 -5.87
N LYS A 262 5.30 -22.99 -6.81
CA LYS A 262 5.28 -21.53 -6.81
C LYS A 262 4.09 -21.00 -6.02
N LYS A 263 4.23 -19.80 -5.48
CA LYS A 263 3.14 -19.17 -4.76
C LYS A 263 2.39 -18.27 -5.74
N VAL A 264 1.07 -18.23 -5.60
CA VAL A 264 0.27 -17.38 -6.46
C VAL A 264 -0.02 -16.10 -5.68
N MET A 265 0.50 -14.98 -6.17
CA MET A 265 0.31 -13.70 -5.51
C MET A 265 -1.13 -13.21 -5.51
N GLY A 266 -1.50 -12.55 -4.43
CA GLY A 266 -2.85 -12.04 -4.30
C GLY A 266 -3.74 -13.00 -3.52
N PHE A 267 -3.13 -14.05 -2.98
CA PHE A 267 -3.85 -15.06 -2.21
C PHE A 267 -3.10 -15.39 -0.93
N GLY A 268 -3.85 -15.51 0.17
CA GLY A 268 -3.24 -15.84 1.45
C GLY A 268 -2.90 -14.63 2.31
N HIS A 269 -2.77 -14.86 3.61
CA HIS A 269 -2.46 -13.78 4.53
C HIS A 269 -1.92 -14.37 5.81
N ARG A 270 -0.98 -13.66 6.45
CA ARG A 270 -0.40 -14.13 7.70
C ARG A 270 -1.42 -14.17 8.82
N VAL A 271 -2.31 -13.17 8.85
CA VAL A 271 -3.33 -13.07 9.89
C VAL A 271 -4.68 -13.63 9.44
N TYR A 272 -5.24 -13.10 8.36
CA TYR A 272 -6.53 -13.56 7.86
C TYR A 272 -6.49 -15.01 7.39
N LYS A 273 -7.26 -15.87 8.07
CA LYS A 273 -7.33 -17.28 7.71
C LYS A 273 -8.68 -17.63 7.09
N ASN A 274 -9.63 -16.70 7.16
CA ASN A 274 -10.98 -16.91 6.65
C ASN A 274 -11.44 -15.89 5.62
N GLY A 275 -10.51 -15.10 5.12
CA GLY A 275 -10.89 -14.08 4.17
C GLY A 275 -10.42 -12.73 4.64
N ASP A 276 -10.09 -11.88 3.68
CA ASP A 276 -9.59 -10.55 3.96
C ASP A 276 -10.78 -9.62 4.22
N SER A 277 -10.67 -8.82 5.28
CA SER A 277 -11.70 -7.87 5.68
C SER A 277 -11.95 -6.79 4.64
N ARG A 278 -10.94 -6.55 3.81
CA ARG A 278 -11.00 -5.51 2.81
C ARG A 278 -11.36 -6.00 1.40
N VAL A 279 -11.33 -7.31 1.17
CA VAL A 279 -11.65 -7.88 -0.14
C VAL A 279 -13.05 -7.56 -0.69
N PRO A 280 -14.11 -7.80 0.11
CA PRO A 280 -15.46 -7.50 -0.40
C PRO A 280 -15.60 -6.04 -0.85
N THR A 281 -15.01 -5.12 -0.12
CA THR A 281 -15.07 -3.70 -0.46
C THR A 281 -14.27 -3.37 -1.71
N MET A 282 -13.06 -3.90 -1.80
CA MET A 282 -12.20 -3.66 -2.96
C MET A 282 -12.79 -4.30 -4.23
N LYS A 283 -13.44 -5.46 -4.07
CA LYS A 283 -14.06 -6.19 -5.18
C LYS A 283 -15.25 -5.38 -5.72
N SER A 284 -15.94 -4.69 -4.80
CA SER A 284 -17.08 -3.85 -5.15
C SER A 284 -16.57 -2.66 -5.96
N ALA A 285 -15.39 -2.17 -5.60
CA ALA A 285 -14.80 -1.05 -6.32
C ALA A 285 -14.37 -1.55 -7.69
N LEU A 286 -13.80 -2.77 -7.73
CA LEU A 286 -13.36 -3.36 -8.98
C LEU A 286 -14.57 -3.51 -9.92
N ASP A 287 -15.69 -3.96 -9.37
CA ASP A 287 -16.92 -4.15 -10.13
C ASP A 287 -17.42 -2.84 -10.69
N ALA A 288 -17.34 -1.78 -9.88
CA ALA A 288 -17.77 -0.46 -10.30
C ALA A 288 -16.94 -0.02 -11.50
N MET A 289 -15.65 -0.35 -11.47
CA MET A 289 -14.75 0.00 -12.55
C MET A 289 -14.94 -0.85 -13.80
N ILE A 290 -15.31 -2.12 -13.61
CA ILE A 290 -15.56 -3.03 -14.72
C ILE A 290 -16.73 -2.46 -15.51
N LYS A 291 -17.76 -2.03 -14.78
CA LYS A 291 -18.97 -1.43 -15.34
C LYS A 291 -18.68 -0.08 -16.00
N HIS A 292 -17.95 0.77 -15.30
CA HIS A 292 -17.58 2.10 -15.80
C HIS A 292 -16.82 2.10 -17.13
N TYR A 293 -15.74 1.31 -17.20
CA TYR A 293 -14.94 1.22 -18.41
C TYR A 293 -15.48 0.17 -19.37
N ASP A 294 -16.58 -0.46 -18.98
CA ASP A 294 -17.25 -1.49 -19.79
C ASP A 294 -16.26 -2.56 -20.21
N ARG A 295 -15.72 -3.29 -19.23
CA ARG A 295 -14.77 -4.35 -19.52
C ARG A 295 -15.01 -5.62 -18.68
N PRO A 296 -16.09 -6.36 -18.97
CA PRO A 296 -16.43 -7.59 -18.26
C PRO A 296 -15.42 -8.72 -18.52
N GLU A 297 -14.60 -8.57 -19.55
CA GLU A 297 -13.60 -9.56 -19.91
C GLU A 297 -12.65 -9.86 -18.75
N MET A 298 -12.34 -8.82 -17.97
CA MET A 298 -11.43 -8.92 -16.82
C MET A 298 -11.86 -10.02 -15.86
N LEU A 299 -13.15 -10.07 -15.55
CA LEU A 299 -13.71 -11.05 -14.63
C LEU A 299 -13.48 -12.50 -14.99
N GLY A 300 -13.37 -12.80 -16.28
CA GLY A 300 -13.15 -14.17 -16.70
C GLY A 300 -11.93 -14.79 -16.06
N LEU A 301 -10.79 -14.11 -16.23
CA LEU A 301 -9.51 -14.54 -15.67
C LEU A 301 -9.54 -14.39 -14.15
N TYR A 302 -10.13 -13.30 -13.68
CA TYR A 302 -10.24 -12.99 -12.26
C TYR A 302 -11.02 -14.06 -11.50
N ASN A 303 -12.22 -14.37 -11.96
CA ASN A 303 -13.06 -15.38 -11.33
C ASN A 303 -12.45 -16.77 -11.43
N GLY A 304 -11.93 -17.08 -12.61
CA GLY A 304 -11.34 -18.39 -12.83
C GLY A 304 -10.15 -18.69 -11.95
N LEU A 305 -9.26 -17.72 -11.78
CA LEU A 305 -8.09 -17.93 -10.95
C LEU A 305 -8.44 -18.07 -9.47
N GLU A 306 -9.36 -17.25 -8.96
CA GLU A 306 -9.72 -17.36 -7.55
C GLU A 306 -10.48 -18.66 -7.27
N ALA A 307 -11.33 -19.08 -8.21
CA ALA A 307 -12.09 -20.33 -8.05
C ALA A 307 -11.11 -21.51 -8.00
N ALA A 308 -10.13 -21.48 -8.89
CA ALA A 308 -9.12 -22.53 -8.99
C ALA A 308 -8.24 -22.61 -7.75
N MET A 309 -7.97 -21.47 -7.12
CA MET A 309 -7.15 -21.42 -5.92
C MET A 309 -7.89 -22.01 -4.74
N GLU A 310 -9.17 -21.67 -4.63
CA GLU A 310 -10.02 -22.15 -3.54
C GLU A 310 -10.12 -23.67 -3.65
N GLU A 311 -10.33 -24.15 -4.87
CA GLU A 311 -10.46 -25.57 -5.18
C GLU A 311 -9.19 -26.37 -4.89
N ALA A 312 -8.05 -25.84 -5.33
CA ALA A 312 -6.77 -26.52 -5.16
C ALA A 312 -6.09 -26.34 -3.81
N LYS A 313 -6.20 -25.15 -3.22
CA LYS A 313 -5.52 -24.87 -1.95
C LYS A 313 -6.35 -24.33 -0.80
N GLN A 314 -7.64 -24.11 -1.03
CA GLN A 314 -8.52 -23.56 0.01
C GLN A 314 -7.97 -22.24 0.57
N ILE A 315 -7.37 -21.44 -0.32
CA ILE A 315 -6.79 -20.15 0.03
C ILE A 315 -7.58 -19.06 -0.70
N LYS A 316 -8.10 -18.11 0.07
CA LYS A 316 -8.88 -17.02 -0.49
C LYS A 316 -7.99 -15.85 -0.85
N PRO A 317 -8.44 -15.00 -1.78
CA PRO A 317 -7.66 -13.83 -2.20
C PRO A 317 -7.53 -12.78 -1.10
N ASN A 318 -6.50 -11.94 -1.23
CA ASN A 318 -6.30 -10.86 -0.28
C ASN A 318 -6.57 -9.55 -1.03
N LEU A 319 -6.49 -8.44 -0.33
CA LEU A 319 -6.74 -7.12 -0.89
C LEU A 319 -6.05 -6.81 -2.23
N ASP A 320 -4.81 -7.28 -2.39
CA ASP A 320 -4.05 -7.02 -3.61
C ASP A 320 -4.66 -7.67 -4.85
N TYR A 321 -5.43 -8.73 -4.66
CA TYR A 321 -6.06 -9.42 -5.79
C TYR A 321 -7.04 -8.51 -6.53
N PRO A 322 -8.07 -7.96 -5.84
CA PRO A 322 -8.99 -7.08 -6.57
C PRO A 322 -8.40 -5.68 -6.87
N ALA A 323 -7.42 -5.27 -6.08
CA ALA A 323 -6.79 -3.96 -6.25
C ALA A 323 -5.98 -3.81 -7.54
N GLY A 324 -5.17 -4.82 -7.87
CA GLY A 324 -4.38 -4.77 -9.09
C GLY A 324 -5.20 -4.47 -10.34
N PRO A 325 -6.24 -5.26 -10.63
CA PRO A 325 -7.10 -5.07 -11.81
C PRO A 325 -7.82 -3.71 -11.78
N THR A 326 -8.11 -3.20 -10.58
CA THR A 326 -8.77 -1.91 -10.43
C THR A 326 -7.86 -0.80 -10.94
N TYR A 327 -6.61 -0.77 -10.47
CA TYR A 327 -5.65 0.26 -10.90
C TYR A 327 -5.33 0.11 -12.39
N ASN A 328 -5.41 -1.11 -12.90
CA ASN A 328 -5.15 -1.37 -14.31
C ASN A 328 -6.24 -0.69 -15.16
N LEU A 329 -7.49 -0.89 -14.76
CA LEU A 329 -8.62 -0.29 -15.46
C LEU A 329 -8.53 1.24 -15.41
N MET A 330 -8.00 1.75 -14.30
CA MET A 330 -7.86 3.19 -14.10
C MET A 330 -6.80 3.81 -15.00
N GLY A 331 -5.99 2.96 -15.63
CA GLY A 331 -4.96 3.44 -16.53
C GLY A 331 -3.54 3.50 -16.02
N PHE A 332 -3.30 3.05 -14.79
CA PHE A 332 -1.96 3.07 -14.23
C PHE A 332 -1.13 1.94 -14.82
N ASP A 333 0.17 2.18 -14.97
CA ASP A 333 1.07 1.15 -15.47
C ASP A 333 1.26 0.20 -14.30
N THR A 334 1.36 -1.09 -14.59
CA THR A 334 1.51 -2.12 -13.56
C THR A 334 2.63 -1.90 -12.57
N GLU A 335 3.77 -1.36 -13.03
CA GLU A 335 4.91 -1.12 -12.15
C GLU A 335 4.60 -0.07 -11.07
N MET A 336 3.55 0.71 -11.28
CA MET A 336 3.16 1.77 -10.33
C MET A 336 2.18 1.35 -9.25
N PHE A 337 1.74 0.10 -9.25
CA PHE A 337 0.76 -0.35 -8.26
C PHE A 337 1.22 -0.30 -6.81
N THR A 338 2.45 -0.72 -6.53
CA THR A 338 2.91 -0.69 -5.17
C THR A 338 3.11 0.76 -4.66
N PRO A 339 3.60 1.67 -5.53
CA PRO A 339 3.77 3.06 -5.07
C PRO A 339 2.42 3.67 -4.66
N LEU A 340 1.34 3.18 -5.25
CA LEU A 340 -0.02 3.65 -4.92
C LEU A 340 -0.39 3.16 -3.52
N PHE A 341 0.13 2.00 -3.15
CA PHE A 341 -0.09 1.40 -1.83
C PHE A 341 0.66 2.29 -0.81
N ILE A 342 1.87 2.74 -1.16
CA ILE A 342 2.67 3.60 -0.29
C ILE A 342 1.89 4.87 0.05
N ALA A 343 1.40 5.52 -1.00
CA ALA A 343 0.63 6.75 -0.90
C ALA A 343 -0.41 6.69 0.20
N ALA A 344 -1.12 5.57 0.27
CA ALA A 344 -2.14 5.38 1.28
C ALA A 344 -1.58 4.97 2.63
N ARG A 345 -0.70 3.97 2.62
CA ARG A 345 -0.10 3.42 3.83
C ARG A 345 0.79 4.39 4.61
N ILE A 346 1.10 5.53 4.02
CA ILE A 346 1.92 6.54 4.70
C ILE A 346 1.21 6.93 6.01
N THR A 347 -0.12 6.99 5.96
CA THR A 347 -0.95 7.32 7.12
C THR A 347 -0.75 6.31 8.27
N GLY A 348 -0.90 5.02 7.97
CA GLY A 348 -0.72 4.01 8.98
C GLY A 348 0.71 3.92 9.47
N TRP A 349 1.67 3.99 8.54
CA TRP A 349 3.09 3.94 8.90
C TRP A 349 3.46 5.02 9.91
N THR A 350 3.12 6.28 9.60
CA THR A 350 3.44 7.40 10.46
C THR A 350 2.71 7.41 11.80
N ALA A 351 1.49 6.87 11.82
CA ALA A 351 0.72 6.78 13.06
C ALA A 351 1.43 5.79 14.00
N HIS A 352 1.95 4.70 13.43
CA HIS A 352 2.69 3.71 14.21
C HIS A 352 4.04 4.26 14.64
N ILE A 353 4.65 5.05 13.77
CA ILE A 353 5.94 5.66 14.08
C ILE A 353 5.76 6.55 15.31
N MET A 354 4.72 7.38 15.30
CA MET A 354 4.45 8.26 16.43
C MET A 354 4.07 7.47 17.67
N GLU A 355 3.31 6.40 17.50
CA GLU A 355 2.90 5.56 18.63
C GLU A 355 4.14 4.92 19.25
N GLN A 356 5.03 4.44 18.39
CA GLN A 356 6.28 3.81 18.82
C GLN A 356 7.13 4.79 19.63
N VAL A 357 7.27 6.01 19.12
CA VAL A 357 8.04 7.05 19.79
C VAL A 357 7.50 7.38 21.19
N ALA A 358 6.18 7.36 21.32
CA ALA A 358 5.52 7.68 22.59
C ALA A 358 5.65 6.62 23.69
N ASP A 359 5.91 5.37 23.31
CA ASP A 359 6.05 4.28 24.27
C ASP A 359 7.13 3.36 23.70
N ASN A 360 8.35 3.89 23.68
CA ASN A 360 9.47 3.17 23.10
C ASN A 360 10.26 2.15 23.92
N ALA A 361 10.81 1.19 23.19
CA ALA A 361 11.66 0.12 23.70
C ALA A 361 12.36 -0.36 22.44
N LEU A 362 13.68 -0.44 22.50
CA LEU A 362 14.46 -0.89 21.35
C LEU A 362 14.00 -2.29 20.94
N ILE A 363 13.83 -2.49 19.64
CA ILE A 363 13.43 -3.79 19.13
C ILE A 363 14.71 -4.47 18.65
N ARG A 364 15.12 -5.50 19.38
CA ARG A 364 16.34 -6.24 19.10
C ARG A 364 16.17 -7.63 19.70
N PRO A 365 15.77 -8.60 18.85
CA PRO A 365 15.57 -9.98 19.27
C PRO A 365 16.89 -10.73 19.31
N LEU A 366 16.81 -12.01 19.61
CA LEU A 366 17.98 -12.87 19.66
C LEU A 366 17.94 -13.86 18.51
N SER A 367 19.09 -14.50 18.27
CA SER A 367 19.20 -15.50 17.23
C SER A 367 19.82 -16.71 17.91
N GLU A 368 19.59 -17.89 17.35
CA GLU A 368 20.18 -19.11 17.88
C GLU A 368 21.25 -19.50 16.89
N TYR A 369 22.48 -19.59 17.37
CA TYR A 369 23.60 -19.94 16.52
C TYR A 369 23.59 -21.40 16.05
N ASN A 370 23.86 -21.59 14.76
CA ASN A 370 23.95 -22.93 14.17
C ASN A 370 25.09 -22.95 13.14
N GLY A 371 26.05 -22.04 13.31
CA GLY A 371 27.18 -21.97 12.39
C GLY A 371 28.36 -22.80 12.85
N PRO A 372 29.56 -22.56 12.29
CA PRO A 372 30.77 -23.30 12.64
C PRO A 372 31.08 -23.18 14.12
N GLU A 373 31.43 -24.29 14.76
CA GLU A 373 31.78 -24.26 16.17
C GLU A 373 33.07 -23.45 16.34
N GLN A 374 33.28 -22.89 17.53
CA GLN A 374 34.46 -22.08 17.81
C GLN A 374 35.76 -22.66 17.24
N ARG A 375 36.47 -21.85 16.45
CA ARG A 375 37.74 -22.25 15.83
C ARG A 375 38.77 -21.17 16.14
N GLN A 376 40.04 -21.55 16.14
CA GLN A 376 41.10 -20.57 16.37
C GLN A 376 41.55 -20.03 15.03
N VAL A 377 41.76 -18.72 14.97
CA VAL A 377 42.22 -18.08 13.75
C VAL A 377 43.67 -18.51 13.50
N PRO A 378 43.98 -19.00 12.29
CA PRO A 378 45.33 -19.43 11.93
C PRO A 378 46.31 -18.26 11.91
#